data_6ZUX
#
_entry.id   6ZUX
#
_cell.length_a   70.260
_cell.length_b   71.300
_cell.length_c   72.450
_cell.angle_alpha   90.000
_cell.angle_beta   100.430
_cell.angle_gamma   90.000
#
_symmetry.space_group_name_H-M   'C 1 2 1'
#
loop_
_entity.id
_entity.type
_entity.pdbx_description
1 polymer Prothrombin
2 polymer Prothrombin
3 polymer Hirudin-2
4 non-polymer [2-[[(1~{R})-1-(3-chlorophenyl)ethyl]amino]-7-methoxy-1,3-benzoxazol-5-yl]-[(2~{S},5~{S})-5-(2-hydroxyethyl)-2-methyl-morpholin-4-yl]methanone
5 non-polymer 2-acetamido-2-deoxy-beta-D-glucopyranose
6 water water
#
loop_
_entity_poly.entity_id
_entity_poly.type
_entity_poly.pdbx_seq_one_letter_code
_entity_poly.pdbx_strand_id
1 'polypeptide(L)' TFGSGEADCGLRPLFEKKSLEDKTERELLESYIDGR L
2 'polypeptide(L)'
;IVEGSDAEIGMSPWQVMLFRKSPQELLCGASLISDRWVLTAAHCLLYPPWDKNFTENDLLVRIGKHSRTRYERNIEKISM
LEKIYIHPRYNWRENLDRDIALMKLKKPVAFSDYIHPVCLPDRETAASLLQAGYKGRVTGWGNLKETWTANVGKGQPSVL
QVVNLPIVERPVCKDSTRIRITDNMFCAGYKPDEGKRGDACEGDSGGPFVMKSPFNNRWYQMGIVSWGEGCDRDGKYGFY
THVFRLKKWIQKVIDQFGE
;
H
3 'polypeptide(L)' GDFEEIPEE(TYS)L I
#
loop_
_chem_comp.id
_chem_comp.type
_chem_comp.name
_chem_comp.formula
NAG D-saccharide, beta linking 2-acetamido-2-deoxy-beta-D-glucopyranose 'C8 H15 N O6'
QQE non-polymer [2-[[(1~{R})-1-(3-chlorophenyl)ethyl]amino]-7-methoxy-1,3-benzoxazol-5-yl]-[(2~{S},5~{S})-5-(2-hydroxyethyl)-2-methyl-morpholin-4-yl]methanone 'C24 H28 Cl N3 O5'
#
# COMPACT_ATOMS: atom_id res chain seq x y z
N ALA A 7 -20.11 -2.16 1.64
CA ALA A 7 -20.99 -1.06 1.13
C ALA A 7 -20.40 0.27 1.50
N ASP A 8 -19.72 0.36 2.64
CA ASP A 8 -19.16 1.62 3.08
C ASP A 8 -17.64 1.71 2.76
N CYS A 9 -17.11 0.81 1.93
CA CYS A 9 -15.66 0.87 1.59
C CYS A 9 -15.25 2.21 1.01
N GLY A 10 -14.03 2.64 1.33
CA GLY A 10 -13.44 3.77 0.64
C GLY A 10 -13.94 5.13 1.04
N LEU A 11 -14.79 5.20 2.06
CA LEU A 11 -15.29 6.44 2.59
C LEU A 11 -14.72 6.64 4.00
N ARG A 12 -13.95 7.70 4.12
CA ARG A 12 -13.19 7.99 5.35
C ARG A 12 -14.02 8.72 6.36
N PRO A 13 -14.07 8.20 7.61
CA PRO A 13 -14.89 8.84 8.62
C PRO A 13 -14.52 10.28 8.84
N LEU A 14 -13.23 10.61 8.72
CA LEU A 14 -12.78 12.02 9.00
C LEU A 14 -12.79 12.96 7.77
N PHE A 15 -13.15 12.41 6.63
CA PHE A 15 -13.16 13.15 5.38
C PHE A 15 -14.50 13.01 4.67
N GLU A 16 -14.68 12.00 3.80
CA GLU A 16 -15.88 11.91 3.01
C GLU A 16 -17.15 11.86 3.88
N LYS A 17 -17.07 11.15 5.01
CA LYS A 17 -18.26 10.99 5.84
C LYS A 17 -18.75 12.32 6.41
N LYS A 18 -17.84 13.29 6.62
CA LYS A 18 -18.20 14.61 7.13
C LYS A 18 -18.12 15.69 6.08
N SER A 19 -17.93 15.27 4.84
CA SER A 19 -17.70 16.13 3.68
C SER A 19 -16.56 17.17 3.87
N LEU A 20 -15.39 16.72 4.39
CA LEU A 20 -14.17 17.49 4.48
C LEU A 20 -13.21 16.88 3.49
N GLU A 21 -12.44 17.73 2.81
CA GLU A 21 -11.43 17.21 1.85
C GLU A 21 -10.07 17.26 2.55
N ASP A 22 -9.20 16.32 2.24
CA ASP A 22 -7.80 16.41 2.68
C ASP A 22 -7.05 17.49 1.85
N LYS A 23 -5.79 17.75 2.19
CA LYS A 23 -5.07 18.85 1.57
C LYS A 23 -4.65 18.62 0.10
N THR A 24 -4.60 17.41 -0.38
CA THR A 24 -4.11 17.19 -1.71
C THR A 24 -5.02 16.32 -2.60
N GLU A 25 -6.21 15.90 -2.12
CA GLU A 25 -7.05 15.07 -3.00
C GLU A 25 -7.51 15.82 -4.27
N ARG A 26 -7.59 17.15 -4.24
CA ARG A 26 -7.80 17.96 -5.44
C ARG A 26 -6.77 17.78 -6.54
N GLU A 27 -5.49 17.66 -6.17
CA GLU A 27 -4.47 17.32 -7.15
C GLU A 27 -4.82 15.98 -7.92
N LEU A 28 -5.37 14.99 -7.21
CA LEU A 28 -5.81 13.78 -7.86
C LEU A 28 -6.96 14.10 -8.83
N LEU A 29 -7.98 14.82 -8.35
CA LEU A 29 -9.18 15.15 -9.16
C LEU A 29 -8.78 15.88 -10.43
N GLU A 30 -7.92 16.89 -10.25
CA GLU A 30 -7.46 17.73 -11.44
C GLU A 30 -6.73 16.86 -12.46
N SER A 31 -6.15 15.75 -12.06
CA SER A 31 -5.48 14.85 -13.04
C SER A 31 -6.45 13.95 -13.84
N TYR A 32 -7.71 13.83 -13.39
CA TYR A 32 -8.66 12.90 -13.96
C TYR A 32 -9.37 13.69 -15.04
N ILE A 33 -8.66 13.84 -16.14
CA ILE A 33 -9.11 14.74 -17.17
C ILE A 33 -10.20 14.13 -18.11
N ILE B 1 8.77 6.65 2.04
CA ILE B 1 8.31 7.61 1.01
C ILE B 1 9.30 8.76 0.94
N VAL B 2 9.83 8.97 -0.26
CA VAL B 2 10.75 10.04 -0.62
C VAL B 2 10.00 11.22 -1.21
N GLU B 3 10.31 12.40 -0.69
CA GLU B 3 9.73 13.67 -1.05
C GLU B 3 8.20 13.72 -0.90
N GLY B 4 7.62 13.00 0.09
CA GLY B 4 6.21 13.11 0.45
C GLY B 4 5.98 14.13 1.57
N SER B 5 4.87 14.05 2.29
CA SER B 5 4.64 14.95 3.40
C SER B 5 3.94 14.12 4.48
N ASP B 6 3.79 14.68 5.67
CA ASP B 6 3.10 13.99 6.74
C ASP B 6 1.65 13.80 6.39
N ALA B 7 1.16 12.58 6.55
CA ALA B 7 -0.27 12.33 6.39
C ALA B 7 -1.07 13.12 7.36
N GLU B 8 -2.29 13.51 6.97
CA GLU B 8 -3.23 14.06 7.95
C GLU B 8 -3.81 12.96 8.81
N ILE B 9 -4.36 13.33 9.95
CA ILE B 9 -4.99 12.35 10.81
C ILE B 9 -6.21 11.71 10.09
N GLY B 10 -6.28 10.40 10.05
CA GLY B 10 -7.39 9.70 9.40
C GLY B 10 -7.41 9.79 7.88
N MET B 11 -6.29 10.21 7.29
CA MET B 11 -6.25 10.39 5.85
C MET B 11 -6.24 9.03 5.11
N SER B 12 -5.70 7.99 5.74
CA SER B 12 -5.51 6.70 5.07
C SER B 12 -5.87 5.60 6.02
N PRO B 13 -7.17 5.51 6.38
CA PRO B 13 -7.60 4.63 7.51
C PRO B 13 -7.57 3.17 7.20
N TRP B 14 -7.29 2.85 5.94
CA TRP B 14 -6.96 1.50 5.47
C TRP B 14 -5.46 1.10 5.56
N GLN B 15 -4.60 2.04 5.97
CA GLN B 15 -3.16 1.75 6.05
C GLN B 15 -2.87 0.74 7.17
N VAL B 16 -2.07 -0.25 6.84
CA VAL B 16 -1.72 -1.27 7.77
C VAL B 16 -0.23 -1.29 7.85
N MET B 17 0.29 -1.45 9.06
CA MET B 17 1.73 -1.72 9.25
C MET B 17 1.92 -3.21 9.51
N LEU B 18 2.79 -3.84 8.75
CA LEU B 18 3.24 -5.19 9.10
C LEU B 18 4.45 -4.99 9.98
N PHE B 19 4.37 -5.58 11.18
CA PHE B 19 5.33 -5.32 12.22
C PHE B 19 5.97 -6.67 12.62
N ARG B 20 7.30 -6.76 12.50
CA ARG B 20 7.99 -7.96 12.85
C ARG B 20 8.15 -8.05 14.35
N LYS B 21 7.85 -9.22 14.88
CA LYS B 21 7.86 -9.42 16.34
C LYS B 21 9.29 -9.40 16.86
N SER B 22 10.20 -10.09 16.20
CA SER B 22 11.57 -10.24 16.74
C SER B 22 12.55 -10.38 15.63
N PRO B 23 13.44 -9.39 15.44
CA PRO B 23 13.54 -8.07 16.12
C PRO B 23 12.28 -7.22 15.85
N GLN B 24 11.94 -6.35 16.80
CA GLN B 24 10.76 -5.46 16.64
C GLN B 24 11.10 -4.41 15.56
N GLU B 25 10.54 -4.54 14.35
CA GLU B 25 10.84 -3.64 13.26
C GLU B 25 9.71 -3.56 12.20
N LEU B 26 9.77 -2.50 11.40
CA LEU B 26 8.83 -2.35 10.28
C LEU B 26 9.16 -3.40 9.28
N LEU B 27 8.19 -4.23 8.98
CA LEU B 27 8.37 -5.25 7.93
C LEU B 27 7.93 -4.75 6.54
N CYS B 28 6.79 -4.04 6.47
CA CYS B 28 6.18 -3.63 5.23
C CYS B 28 4.89 -2.90 5.50
N GLY B 29 4.31 -2.35 4.43
CA GLY B 29 2.96 -1.83 4.45
C GLY B 29 2.02 -2.90 4.00
N ALA B 30 0.76 -2.54 4.05
CA ALA B 30 -0.37 -3.40 3.77
C ALA B 30 -1.62 -2.51 3.80
N SER B 31 -2.77 -3.10 3.51
CA SER B 31 -4.02 -2.39 3.50
C SER B 31 -5.15 -3.27 3.97
N LEU B 32 -6.15 -2.61 4.56
CA LEU B 32 -7.31 -3.27 5.11
C LEU B 32 -8.41 -3.27 4.03
N ILE B 33 -8.86 -4.43 3.62
CA ILE B 33 -9.92 -4.52 2.60
C ILE B 33 -11.29 -5.02 3.13
N SER B 34 -11.30 -5.48 4.37
CA SER B 34 -12.52 -5.95 5.06
C SER B 34 -12.18 -6.04 6.54
N ASP B 35 -13.11 -6.46 7.40
CA ASP B 35 -12.79 -6.51 8.84
C ASP B 35 -11.86 -7.66 9.19
N ARG B 36 -11.66 -8.62 8.26
CA ARG B 36 -10.74 -9.72 8.48
C ARG B 36 -9.65 -9.95 7.43
N TRP B 37 -9.57 -9.16 6.39
CA TRP B 37 -8.60 -9.43 5.33
C TRP B 37 -7.71 -8.20 5.13
N VAL B 38 -6.41 -8.46 4.95
CA VAL B 38 -5.41 -7.46 4.70
C VAL B 38 -4.64 -7.89 3.43
N LEU B 39 -4.36 -6.91 2.59
CA LEU B 39 -3.67 -7.15 1.36
C LEU B 39 -2.26 -6.55 1.47
N THR B 40 -1.29 -7.25 0.89
CA THR B 40 0.09 -6.80 0.85
C THR B 40 0.84 -7.33 -0.42
N ALA B 41 2.14 -7.07 -0.48
CA ALA B 41 3.00 -7.57 -1.51
C ALA B 41 3.53 -8.90 -1.03
N ALA B 42 3.52 -9.89 -1.93
CA ALA B 42 4.06 -11.25 -1.60
C ALA B 42 5.51 -11.18 -1.11
N HIS B 43 6.30 -10.31 -1.73
CA HIS B 43 7.72 -10.24 -1.38
C HIS B 43 8.02 -9.71 0.02
N CYS B 44 7.04 -9.04 0.64
CA CYS B 44 7.08 -8.74 2.05
C CYS B 44 7.16 -9.95 2.96
N LEU B 45 6.56 -11.08 2.52
CA LEU B 45 6.55 -12.36 3.22
C LEU B 45 7.54 -13.38 2.72
N LEU B 46 7.66 -13.52 1.39
CA LEU B 46 8.48 -14.54 0.76
C LEU B 46 9.36 -13.92 -0.30
N TYR B 47 10.67 -13.96 -0.08
CA TYR B 47 11.62 -13.54 -1.12
C TYR B 47 12.95 -14.23 -0.84
N PRO B 48 13.14 -15.43 -1.38
CA PRO B 48 14.35 -16.21 -1.09
C PRO B 48 15.69 -15.55 -1.41
N PRO B 49 15.75 -14.70 -2.46
CA PRO B 49 17.05 -14.06 -2.69
C PRO B 49 17.58 -13.21 -1.50
N TRP B 50 16.67 -12.59 -0.75
CA TRP B 50 17.02 -11.90 0.46
C TRP B 50 16.72 -12.71 1.71
N ASP B 51 16.61 -14.05 1.60
CA ASP B 51 16.27 -14.91 2.77
C ASP B 51 15.05 -14.45 3.60
N LYS B 52 14.00 -14.06 2.90
CA LYS B 52 12.78 -13.63 3.56
C LYS B 52 11.80 -14.77 3.44
N ASN B 53 11.29 -15.25 4.56
CA ASN B 53 10.29 -16.32 4.60
C ASN B 53 9.55 -16.20 5.88
N PHE B 54 8.59 -15.31 5.96
CA PHE B 54 7.90 -15.11 7.19
C PHE B 54 6.66 -15.98 7.23
N THR B 55 6.43 -16.50 8.41
CA THR B 55 5.28 -17.23 8.73
C THR B 55 4.31 -16.38 9.59
N GLU B 56 3.07 -16.83 9.69
CA GLU B 56 2.00 -16.19 10.46
C GLU B 56 2.45 -15.69 11.78
N ASN B 57 3.12 -16.57 12.51
CA ASN B 57 3.52 -16.27 13.88
C ASN B 57 4.68 -15.24 14.04
N ASP B 58 5.34 -14.86 12.93
CA ASP B 58 6.47 -13.94 12.95
C ASP B 58 6.09 -12.48 13.05
N LEU B 59 4.84 -12.12 12.78
CA LEU B 59 4.51 -10.76 12.68
C LEU B 59 3.11 -10.41 13.20
N LEU B 60 2.91 -9.10 13.32
CA LEU B 60 1.62 -8.56 13.74
C LEU B 60 1.19 -7.55 12.69
N VAL B 61 -0.14 -7.37 12.64
CA VAL B 61 -0.79 -6.37 11.86
C VAL B 61 -1.22 -5.23 12.78
N ARG B 62 -0.77 -4.01 12.50
CA ARG B 62 -1.06 -2.79 13.26
C ARG B 62 -1.85 -1.81 12.38
N ILE B 63 -3.07 -1.54 12.77
CA ILE B 63 -4.03 -0.75 11.97
C ILE B 63 -4.40 0.46 12.76
N GLY B 64 -4.69 1.54 12.02
CA GLY B 64 -5.09 2.77 12.67
C GLY B 64 -3.96 3.66 13.06
N LYS B 65 -2.75 3.39 12.52
CA LYS B 65 -1.59 4.08 13.03
C LYS B 65 -1.34 5.36 12.27
N HIS B 66 -0.52 6.19 12.90
CA HIS B 66 -0.05 7.46 12.38
C HIS B 66 1.47 7.54 12.68
N SER B 67 1.84 7.63 13.94
CA SER B 67 3.22 7.57 14.34
C SER B 67 3.87 6.22 13.91
N ARG B 68 5.11 6.23 13.43
CA ARG B 68 5.83 5.01 13.04
C ARG B 68 6.10 4.11 14.25
N THR B 69 6.65 4.70 15.32
CA THR B 69 7.21 3.93 16.44
C THR B 69 6.39 3.86 17.71
N ARG B 70 5.44 4.76 17.90
CA ARG B 70 4.74 4.82 19.20
C ARG B 70 3.69 3.74 19.21
N TYR B 71 3.40 3.31 20.42
CA TYR B 71 2.25 2.50 20.70
C TYR B 71 1.07 3.47 20.92
N GLU B 72 0.24 3.56 19.90
CA GLU B 72 -0.86 4.51 19.88
C GLU B 72 -2.09 3.92 20.57
N ARG B 73 -1.98 3.92 21.90
CA ARG B 73 -3.01 3.41 22.77
C ARG B 73 -4.36 4.09 22.46
N ASN B 74 -5.41 3.30 22.42
CA ASN B 74 -6.81 3.67 22.17
C ASN B 74 -7.02 4.14 20.74
N ILE B 75 -6.02 4.04 19.88
CA ILE B 75 -6.19 4.46 18.51
C ILE B 75 -5.87 3.29 17.58
N GLU B 76 -4.64 2.77 17.67
CA GLU B 76 -4.31 1.64 16.86
C GLU B 76 -4.91 0.38 17.42
N LYS B 77 -5.10 -0.55 16.53
CA LYS B 77 -5.40 -1.91 16.87
C LYS B 77 -4.38 -2.88 16.33
N ILE B 78 -4.02 -3.87 17.17
CA ILE B 78 -2.98 -4.83 16.82
C ILE B 78 -3.63 -6.20 16.61
N SER B 79 -3.45 -6.81 15.45
CA SER B 79 -4.09 -8.10 15.18
C SER B 79 -3.05 -9.16 14.86
N MET B 80 -3.43 -10.40 15.19
CA MET B 80 -2.62 -11.59 14.88
C MET B 80 -3.16 -12.19 13.60
N LEU B 81 -2.29 -12.93 12.90
CA LEU B 81 -2.56 -13.53 11.61
C LEU B 81 -3.02 -14.91 11.77
N GLU B 82 -4.13 -15.25 11.11
CA GLU B 82 -4.59 -16.64 11.05
C GLU B 82 -3.88 -17.41 9.99
N LYS B 83 -3.83 -16.82 8.79
CA LYS B 83 -3.24 -17.50 7.65
C LYS B 83 -2.79 -16.48 6.61
N ILE B 84 -1.71 -16.84 5.91
CA ILE B 84 -1.13 -16.12 4.79
C ILE B 84 -1.46 -16.86 3.52
N TYR B 85 -1.80 -16.13 2.45
CA TYR B 85 -2.04 -16.73 1.12
C TYR B 85 -1.25 -15.95 0.12
N ILE B 86 -0.27 -16.60 -0.49
CA ILE B 86 0.58 -15.98 -1.47
C ILE B 86 0.09 -16.41 -2.87
N HIS B 87 0.00 -15.48 -3.81
CA HIS B 87 -0.39 -15.92 -5.17
C HIS B 87 0.43 -17.14 -5.62
N PRO B 88 -0.24 -18.20 -6.10
CA PRO B 88 0.54 -19.36 -6.47
C PRO B 88 1.46 -19.15 -7.69
N ARG B 89 1.28 -18.11 -8.50
CA ARG B 89 2.17 -17.80 -9.67
C ARG B 89 2.92 -16.47 -9.45
N TYR B 90 3.07 -16.10 -8.18
CA TYR B 90 4.05 -15.07 -7.79
C TYR B 90 5.47 -15.46 -8.32
N ASN B 91 6.03 -14.59 -9.14
CA ASN B 91 7.29 -14.84 -9.84
C ASN B 91 8.45 -14.05 -9.20
N TRP B 92 8.86 -14.50 -8.05
CA TRP B 92 9.98 -13.91 -7.34
C TRP B 92 11.31 -14.11 -8.11
N ARG B 93 11.38 -15.15 -8.91
CA ARG B 93 12.63 -15.40 -9.66
C ARG B 93 13.04 -14.37 -10.67
N GLU B 94 12.10 -13.87 -11.46
CA GLU B 94 12.39 -13.09 -12.68
C GLU B 94 12.13 -11.58 -12.47
N ASN B 95 10.92 -11.19 -12.04
CA ASN B 95 10.51 -9.80 -12.13
C ASN B 95 9.43 -9.35 -11.11
N LEU B 96 9.22 -10.15 -10.05
CA LEU B 96 8.10 -9.95 -9.11
C LEU B 96 6.72 -9.83 -9.71
N ASP B 97 6.48 -10.56 -10.78
CA ASP B 97 5.17 -10.64 -11.38
C ASP B 97 4.21 -11.21 -10.30
N ARG B 98 2.99 -10.63 -10.20
CA ARG B 98 1.96 -11.05 -9.26
C ARG B 98 2.47 -10.97 -7.84
N ASP B 99 3.03 -9.80 -7.54
CA ASP B 99 3.56 -9.50 -6.21
C ASP B 99 2.37 -9.11 -5.29
N ILE B 100 1.69 -10.14 -4.79
CA ILE B 100 0.42 -10.00 -4.05
C ILE B 100 0.26 -11.16 -3.07
N ALA B 101 -0.23 -10.82 -1.87
CA ALA B 101 -0.57 -11.81 -0.89
C ALA B 101 -1.73 -11.29 -0.06
N LEU B 102 -2.55 -12.20 0.50
CA LEU B 102 -3.63 -11.82 1.42
C LEU B 102 -3.25 -12.39 2.78
N MET B 103 -3.68 -11.70 3.84
CA MET B 103 -3.57 -12.22 5.16
C MET B 103 -4.96 -12.19 5.81
N LYS B 104 -5.39 -13.33 6.37
CA LYS B 104 -6.61 -13.39 7.19
C LYS B 104 -6.28 -13.18 8.67
N LEU B 105 -7.00 -12.26 9.31
CA LEU B 105 -6.75 -12.01 10.75
C LEU B 105 -7.51 -13.00 11.60
N LYS B 106 -7.03 -13.24 12.80
CA LYS B 106 -7.66 -14.20 13.71
C LYS B 106 -9.04 -13.70 14.15
N LYS B 107 -9.22 -12.38 14.29
CA LYS B 107 -10.48 -11.79 14.78
C LYS B 107 -10.80 -10.55 13.96
N PRO B 108 -12.09 -10.23 13.77
CA PRO B 108 -12.43 -9.00 13.07
C PRO B 108 -11.88 -7.78 13.76
N VAL B 109 -11.41 -6.82 12.98
CA VAL B 109 -10.99 -5.54 13.52
C VAL B 109 -12.22 -4.63 13.62
N ALA B 110 -12.35 -3.94 14.73
CA ALA B 110 -13.41 -2.92 14.81
C ALA B 110 -13.02 -1.66 14.06
N PHE B 111 -13.96 -1.13 13.25
CA PHE B 111 -13.77 0.12 12.48
C PHE B 111 -13.97 1.33 13.40
N SER B 112 -13.34 2.44 13.05
CA SER B 112 -13.32 3.63 13.90
C SER B 112 -13.05 4.78 12.96
N ASP B 113 -12.85 5.95 13.54
CA ASP B 113 -12.36 7.07 12.75
C ASP B 113 -11.05 6.82 12.09
N TYR B 114 -10.25 5.89 12.62
CA TYR B 114 -8.88 5.68 12.21
C TYR B 114 -8.65 4.41 11.39
N ILE B 115 -9.69 3.59 11.29
CA ILE B 115 -9.62 2.26 10.82
C ILE B 115 -10.88 2.02 9.96
N HIS B 116 -10.65 1.79 8.66
CA HIS B 116 -11.74 1.67 7.66
C HIS B 116 -11.20 1.06 6.40
N PRO B 117 -11.94 0.15 5.78
CA PRO B 117 -11.43 -0.46 4.59
C PRO B 117 -11.49 0.39 3.31
N VAL B 118 -10.58 0.09 2.42
CA VAL B 118 -10.52 0.69 1.06
C VAL B 118 -11.34 -0.21 0.14
N CYS B 119 -11.89 0.33 -0.92
CA CYS B 119 -12.50 -0.49 -1.96
C CYS B 119 -11.49 -1.17 -2.92
N LEU B 120 -11.85 -2.33 -3.45
CA LEU B 120 -11.11 -2.90 -4.59
C LEU B 120 -11.84 -2.56 -5.87
N PRO B 121 -11.10 -2.21 -6.93
CA PRO B 121 -11.76 -1.88 -8.21
C PRO B 121 -12.44 -3.03 -8.95
N ASP B 122 -13.41 -2.70 -9.71
CA ASP B 122 -13.94 -3.64 -10.65
C ASP B 122 -13.44 -3.21 -12.04
N ARG B 123 -13.80 -3.95 -13.08
CA ARG B 123 -13.21 -3.68 -14.43
C ARG B 123 -13.42 -2.22 -14.90
N GLU B 124 -14.57 -1.64 -14.53
CA GLU B 124 -14.95 -0.31 -15.01
C GLU B 124 -14.16 0.76 -14.27
N THR B 125 -13.96 0.55 -12.96
CA THR B 125 -13.06 1.41 -12.21
C THR B 125 -11.67 1.42 -12.81
N ALA B 126 -11.14 0.24 -13.09
CA ALA B 126 -9.81 0.17 -13.68
C ALA B 126 -9.70 0.87 -15.04
N ALA B 127 -10.71 0.66 -15.85
CA ALA B 127 -10.66 1.21 -17.19
C ALA B 127 -10.81 2.72 -17.12
N SER B 128 -11.65 3.21 -16.21
CA SER B 128 -11.80 4.65 -16.05
C SER B 128 -10.57 5.37 -15.54
N LEU B 129 -9.90 4.77 -14.57
CA LEU B 129 -8.89 5.50 -13.77
C LEU B 129 -7.46 5.15 -14.07
N LEU B 130 -7.22 3.96 -14.60
CA LEU B 130 -5.81 3.55 -14.80
C LEU B 130 -5.31 4.06 -16.10
N GLN B 131 -5.09 5.38 -16.17
CA GLN B 131 -4.78 6.03 -17.42
C GLN B 131 -3.53 6.81 -17.22
N ALA B 132 -2.65 6.85 -18.23
CA ALA B 132 -1.37 7.58 -18.10
C ALA B 132 -1.70 9.02 -17.69
N GLY B 133 -1.02 9.59 -16.70
CA GLY B 133 -1.26 10.99 -16.31
C GLY B 133 -2.18 11.15 -15.07
N TYR B 134 -3.10 10.20 -14.90
CA TYR B 134 -4.01 10.16 -13.76
C TYR B 134 -3.16 9.89 -12.53
N LYS B 135 -3.41 10.64 -11.44
CA LYS B 135 -2.61 10.49 -10.24
C LYS B 135 -3.26 9.58 -9.22
N GLY B 136 -2.42 8.79 -8.57
CA GLY B 136 -2.77 8.04 -7.39
C GLY B 136 -1.94 8.46 -6.21
N ARG B 137 -2.24 7.86 -5.06
CA ARG B 137 -1.61 8.22 -3.80
C ARG B 137 -0.95 7.01 -3.19
N VAL B 138 0.30 7.21 -2.74
CA VAL B 138 1.10 6.13 -2.08
C VAL B 138 1.40 6.62 -0.65
N THR B 139 1.25 5.72 0.35
CA THR B 139 1.44 6.06 1.72
C THR B 139 2.32 4.96 2.39
N GLY B 140 3.13 5.34 3.34
CA GLY B 140 3.88 4.34 4.12
C GLY B 140 4.88 4.96 5.09
N TRP B 141 5.51 4.09 5.88
CA TRP B 141 6.42 4.46 6.92
C TRP B 141 7.81 4.12 6.50
N GLY B 142 8.04 3.88 5.21
CA GLY B 142 9.38 3.48 4.75
C GLY B 142 10.33 4.67 4.71
N ASN B 143 11.55 4.37 4.29
CA ASN B 143 12.62 5.35 4.35
C ASN B 143 12.29 6.62 3.57
N LEU B 144 12.83 7.75 4.08
CA LEU B 144 12.75 9.06 3.47
C LEU B 144 13.72 9.34 2.25
N LYS B 145 14.77 8.53 2.11
CA LYS B 145 15.60 8.59 0.93
C LYS B 145 16.35 7.29 0.80
N GLU B 146 16.94 7.13 -0.35
CA GLU B 146 17.54 5.86 -0.71
C GLU B 146 18.68 5.45 0.21
N THR B 147 19.57 6.35 0.58
CA THR B 147 20.78 5.92 1.33
C THR B 147 21.14 6.90 2.43
N GLY B 155 16.41 10.12 7.39
CA GLY B 155 16.37 8.66 7.42
C GLY B 155 14.97 8.06 7.37
N GLN B 156 14.33 8.00 8.53
CA GLN B 156 13.02 7.36 8.73
C GLN B 156 12.01 8.29 9.34
N PRO B 157 10.73 8.19 8.91
CA PRO B 157 9.79 9.27 9.26
C PRO B 157 9.30 9.11 10.69
N SER B 158 8.92 10.20 11.34
CA SER B 158 8.21 10.14 12.64
C SER B 158 6.73 9.66 12.42
N VAL B 159 6.05 10.15 11.37
CA VAL B 159 4.72 9.73 11.08
C VAL B 159 4.47 9.28 9.62
N LEU B 160 3.34 8.64 9.40
CA LEU B 160 2.96 8.10 8.09
C LEU B 160 3.18 9.21 6.99
N GLN B 161 3.82 8.82 5.87
CA GLN B 161 4.09 9.73 4.76
C GLN B 161 3.16 9.47 3.55
N VAL B 162 2.91 10.51 2.82
CA VAL B 162 2.01 10.49 1.69
C VAL B 162 2.66 11.21 0.52
N VAL B 163 2.48 10.66 -0.66
CA VAL B 163 2.83 11.31 -1.91
C VAL B 163 1.85 10.95 -3.03
N ASN B 164 1.56 11.92 -3.92
CA ASN B 164 0.68 11.67 -5.04
C ASN B 164 1.56 11.58 -6.27
N LEU B 165 1.30 10.63 -7.17
CA LEU B 165 2.19 10.31 -8.27
C LEU B 165 1.38 9.93 -9.48
N PRO B 166 1.78 10.40 -10.65
CA PRO B 166 1.05 10.07 -11.88
C PRO B 166 1.38 8.68 -12.46
N ILE B 167 0.37 8.02 -13.01
CA ILE B 167 0.56 6.77 -13.75
C ILE B 167 1.32 7.11 -15.02
N VAL B 168 2.21 6.24 -15.43
CA VAL B 168 3.09 6.49 -16.57
C VAL B 168 2.74 5.59 -17.75
N GLU B 169 2.99 6.08 -18.95
CA GLU B 169 2.71 5.33 -20.19
C GLU B 169 3.52 4.07 -20.21
N ARG B 170 2.90 2.98 -20.68
CA ARG B 170 3.57 1.67 -20.58
C ARG B 170 4.95 1.61 -21.33
N PRO B 171 5.08 2.23 -22.50
CA PRO B 171 6.37 2.17 -23.15
C PRO B 171 7.46 2.88 -22.34
N VAL B 172 7.14 4.01 -21.70
CA VAL B 172 8.09 4.67 -20.85
C VAL B 172 8.53 3.78 -19.66
N CYS B 173 7.57 3.18 -19.00
CA CYS B 173 7.86 2.25 -17.91
C CYS B 173 8.88 1.17 -18.37
N LYS B 174 8.58 0.52 -19.50
CA LYS B 174 9.41 -0.56 -20.05
C LYS B 174 10.81 -0.06 -20.36
N ASP B 175 10.88 1.15 -20.93
CA ASP B 175 12.13 1.74 -21.41
C ASP B 175 13.04 2.24 -20.27
N SER B 176 12.52 2.22 -19.03
CA SER B 176 13.20 2.71 -17.89
C SER B 176 14.04 1.63 -17.22
N THR B 177 13.93 0.38 -17.66
CA THR B 177 14.48 -0.75 -16.89
C THR B 177 14.86 -1.83 -17.86
N ARG B 178 15.78 -2.69 -17.43
CA ARG B 178 16.11 -3.89 -18.14
C ARG B 178 15.24 -5.07 -17.72
N ILE B 179 14.48 -4.93 -16.63
CA ILE B 179 13.58 -5.96 -16.15
C ILE B 179 12.37 -6.08 -17.06
N ARG B 180 11.88 -7.31 -17.27
CA ARG B 180 10.68 -7.51 -18.09
C ARG B 180 9.39 -7.14 -17.31
N ILE B 181 8.65 -6.18 -17.83
CA ILE B 181 7.47 -5.64 -17.17
C ILE B 181 6.25 -6.33 -17.71
N THR B 182 5.34 -6.79 -16.86
CA THR B 182 4.15 -7.54 -17.32
C THR B 182 2.87 -6.74 -17.25
N ASP B 183 1.83 -7.27 -17.86
CA ASP B 183 0.51 -6.68 -17.80
C ASP B 183 -0.09 -6.64 -16.39
N ASN B 184 0.50 -7.40 -15.44
CA ASN B 184 0.07 -7.36 -14.05
C ASN B 184 0.74 -6.25 -13.26
N MET B 185 1.52 -5.37 -13.94
CA MET B 185 2.25 -4.25 -13.31
C MET B 185 1.93 -2.96 -14.02
N PHE B 186 1.93 -1.84 -13.26
CA PHE B 186 1.96 -0.52 -13.89
C PHE B 186 3.01 0.23 -13.15
N CYS B 187 3.45 1.35 -13.75
CA CYS B 187 4.41 2.18 -13.09
C CYS B 187 3.90 3.58 -12.93
N ALA B 188 4.52 4.27 -12.01
CA ALA B 188 4.10 5.62 -11.64
C ALA B 188 5.26 6.40 -11.12
N GLY B 189 5.17 7.72 -11.29
CA GLY B 189 6.22 8.65 -10.82
C GLY B 189 6.34 9.76 -11.86
N TYR B 190 7.00 10.84 -11.45
CA TYR B 190 7.28 11.95 -12.33
C TYR B 190 8.50 11.65 -13.26
N LYS B 191 8.44 12.23 -14.45
CA LYS B 191 9.57 12.23 -15.41
C LYS B 191 10.59 13.23 -14.95
N PRO B 192 11.86 13.05 -15.32
CA PRO B 192 12.86 14.10 -15.03
C PRO B 192 12.48 15.54 -15.46
N ASP B 193 11.89 15.74 -16.63
CA ASP B 193 11.53 17.14 -17.00
C ASP B 193 10.42 17.79 -16.10
N GLU B 194 9.61 16.96 -15.44
CA GLU B 194 8.40 17.44 -14.77
C GLU B 194 8.66 18.34 -13.54
N GLY B 195 9.84 18.36 -12.95
CA GLY B 195 10.09 19.29 -11.81
C GLY B 195 9.22 19.08 -10.54
N LYS B 196 8.84 17.84 -10.30
CA LYS B 196 8.26 17.36 -9.05
C LYS B 196 8.82 15.97 -8.93
N ARG B 197 8.84 15.42 -7.73
CA ARG B 197 9.61 14.23 -7.39
C ARG B 197 8.70 13.40 -6.49
N GLY B 198 9.21 12.26 -6.06
CA GLY B 198 8.50 11.41 -5.10
C GLY B 198 8.48 9.96 -5.49
N ASP B 199 8.52 9.10 -4.47
CA ASP B 199 8.58 7.64 -4.71
C ASP B 199 8.34 6.96 -3.41
N ALA B 200 8.10 5.65 -3.48
CA ALA B 200 8.21 4.77 -2.32
C ALA B 200 9.68 4.51 -2.03
N CYS B 201 9.93 3.95 -0.85
CA CYS B 201 11.27 3.51 -0.49
C CYS B 201 11.19 2.47 0.66
N GLU B 202 12.33 1.76 0.85
CA GLU B 202 12.49 0.62 1.78
C GLU B 202 11.53 0.69 2.97
N GLY B 203 10.60 -0.25 3.04
CA GLY B 203 9.59 -0.35 4.08
C GLY B 203 8.16 -0.04 3.64
N ASP B 204 8.02 0.63 2.48
CA ASP B 204 6.73 0.99 1.86
C ASP B 204 6.14 -0.11 1.05
N SER B 205 6.92 -1.17 0.73
CA SER B 205 6.37 -2.27 -0.09
C SER B 205 5.17 -2.86 0.59
N GLY B 206 4.23 -3.29 -0.22
CA GLY B 206 2.98 -3.89 0.30
C GLY B 206 1.89 -2.89 0.57
N GLY B 207 2.23 -1.60 0.65
CA GLY B 207 1.27 -0.56 0.90
C GLY B 207 0.51 -0.23 -0.34
N PRO B 208 -0.52 0.62 -0.17
CA PRO B 208 -1.48 0.81 -1.23
C PRO B 208 -1.16 2.01 -2.13
N PHE B 209 -1.49 1.88 -3.42
CA PHE B 209 -1.61 3.00 -4.36
C PHE B 209 -3.09 3.16 -4.59
N VAL B 210 -3.63 4.30 -4.14
CA VAL B 210 -5.06 4.58 -4.18
C VAL B 210 -5.42 5.71 -5.10
N MET B 211 -6.66 5.68 -5.54
CA MET B 211 -7.22 6.74 -6.35
C MET B 211 -8.63 6.99 -5.91
N LYS B 212 -9.05 8.25 -5.99
CA LYS B 212 -10.38 8.61 -5.55
C LYS B 212 -11.29 8.69 -6.73
N SER B 213 -12.24 7.79 -6.84
CA SER B 213 -13.11 7.87 -7.98
C SER B 213 -13.89 9.23 -8.05
N PRO B 214 -13.82 9.91 -9.21
CA PRO B 214 -14.66 11.10 -9.38
C PRO B 214 -16.15 10.79 -9.68
N PHE B 215 -16.47 9.55 -9.93
CA PHE B 215 -17.83 9.10 -10.23
C PHE B 215 -18.66 8.91 -8.95
N ASN B 216 -18.06 8.26 -7.99
CA ASN B 216 -18.78 7.94 -6.72
C ASN B 216 -18.07 8.42 -5.43
N ASN B 217 -16.94 9.12 -5.56
CA ASN B 217 -16.25 9.72 -4.46
C ASN B 217 -15.71 8.76 -3.39
N ARG B 218 -15.45 7.51 -3.78
CA ARG B 218 -14.79 6.54 -2.95
C ARG B 218 -13.36 6.29 -3.38
N TRP B 219 -12.53 5.97 -2.41
CA TRP B 219 -11.20 5.48 -2.62
C TRP B 219 -11.12 4.01 -2.98
N TYR B 220 -10.32 3.75 -4.02
CA TYR B 220 -10.07 2.42 -4.58
C TYR B 220 -8.60 2.14 -4.56
N GLN B 221 -8.21 0.92 -4.15
CA GLN B 221 -6.84 0.50 -4.22
C GLN B 221 -6.55 -0.08 -5.60
N MET B 222 -5.89 0.73 -6.42
CA MET B 222 -5.49 0.31 -7.76
C MET B 222 -4.20 -0.47 -7.79
N GLY B 223 -3.28 -0.18 -6.83
CA GLY B 223 -1.98 -0.84 -6.89
C GLY B 223 -1.45 -1.24 -5.55
N ILE B 224 -0.43 -2.06 -5.59
CA ILE B 224 0.34 -2.43 -4.41
C ILE B 224 1.76 -2.01 -4.68
N VAL B 225 2.34 -1.28 -3.74
CA VAL B 225 3.76 -0.87 -3.85
C VAL B 225 4.58 -2.16 -4.00
N SER B 226 5.29 -2.30 -5.12
CA SER B 226 6.04 -3.54 -5.39
C SER B 226 7.53 -3.28 -5.40
N TRP B 227 8.09 -2.66 -6.43
CA TRP B 227 9.52 -2.49 -6.49
C TRP B 227 9.97 -1.29 -7.32
N GLY B 228 11.18 -0.81 -7.01
CA GLY B 228 11.88 0.15 -7.87
C GLY B 228 13.33 -0.04 -7.77
N GLU B 229 14.03 0.51 -8.76
CA GLU B 229 15.49 0.53 -8.80
C GLU B 229 16.02 1.78 -8.10
N GLY B 230 16.28 1.56 -6.82
CA GLY B 230 16.59 2.60 -5.88
C GLY B 230 15.31 3.27 -5.44
N CYS B 231 15.41 4.52 -5.00
CA CYS B 231 14.23 5.31 -4.65
C CYS B 231 14.38 6.69 -5.20
N ASP B 232 13.34 7.14 -5.91
CA ASP B 232 13.24 8.49 -6.41
C ASP B 232 14.35 8.85 -7.37
N ARG B 233 14.88 7.89 -8.09
CA ARG B 233 15.96 8.24 -9.03
C ARG B 233 15.37 8.81 -10.30
N ASP B 234 16.08 9.78 -10.88
CA ASP B 234 15.66 10.37 -12.15
C ASP B 234 15.65 9.31 -13.24
N GLY B 235 14.55 9.24 -14.01
CA GLY B 235 14.40 8.28 -15.13
C GLY B 235 13.97 6.91 -14.70
N LYS B 236 13.80 6.69 -13.39
CA LYS B 236 13.24 5.44 -12.89
C LYS B 236 11.84 5.72 -12.33
N TYR B 237 11.11 4.65 -12.14
CA TYR B 237 9.74 4.70 -11.69
C TYR B 237 9.49 3.56 -10.69
N GLY B 238 8.34 3.66 -10.05
CA GLY B 238 7.87 2.68 -9.14
C GLY B 238 6.96 1.73 -9.88
N PHE B 239 7.10 0.42 -9.61
CA PHE B 239 6.27 -0.60 -10.20
C PHE B 239 5.32 -1.10 -9.15
N TYR B 240 4.04 -1.19 -9.54
CA TYR B 240 2.96 -1.47 -8.66
C TYR B 240 2.20 -2.66 -9.21
N THR B 241 1.82 -3.58 -8.32
CA THR B 241 0.94 -4.69 -8.66
C THR B 241 -0.44 -4.16 -9.05
N HIS B 242 -0.93 -4.55 -10.22
CA HIS B 242 -2.22 -4.15 -10.79
C HIS B 242 -3.29 -4.98 -10.09
N VAL B 243 -3.93 -4.35 -9.11
CA VAL B 243 -4.91 -5.02 -8.29
C VAL B 243 -6.04 -5.59 -9.06
N PHE B 244 -6.64 -4.83 -9.99
CA PHE B 244 -7.76 -5.35 -10.71
C PHE B 244 -7.42 -6.61 -11.55
N ARG B 245 -6.22 -6.66 -12.10
CA ARG B 245 -5.82 -7.82 -12.92
C ARG B 245 -5.74 -9.03 -12.03
N LEU B 246 -5.44 -8.90 -10.75
CA LEU B 246 -5.39 -10.04 -9.87
C LEU B 246 -6.65 -10.24 -9.01
N LYS B 247 -7.75 -9.60 -9.37
CA LYS B 247 -8.92 -9.63 -8.51
C LYS B 247 -9.66 -10.95 -8.50
N LYS B 248 -9.63 -11.68 -9.59
CA LYS B 248 -10.19 -13.05 -9.61
C LYS B 248 -9.57 -13.95 -8.57
N TRP B 249 -8.25 -13.86 -8.46
CA TRP B 249 -7.54 -14.56 -7.37
C TRP B 249 -7.99 -14.10 -5.98
N ILE B 250 -8.04 -12.78 -5.81
CA ILE B 250 -8.48 -12.20 -4.52
C ILE B 250 -9.85 -12.77 -4.13
N GLN B 251 -10.79 -12.79 -5.09
CA GLN B 251 -12.18 -13.19 -4.84
C GLN B 251 -12.22 -14.70 -4.54
N LYS B 252 -11.41 -15.47 -5.28
CA LYS B 252 -11.27 -16.89 -5.10
C LYS B 252 -10.81 -17.23 -3.70
N VAL B 253 -9.77 -16.56 -3.23
CA VAL B 253 -9.26 -16.82 -1.85
C VAL B 253 -10.31 -16.42 -0.79
N ILE B 254 -10.86 -15.22 -0.94
CA ILE B 254 -11.80 -14.76 0.05
C ILE B 254 -13.05 -15.67 0.02
N ASP B 255 -13.52 -16.09 -1.14
CA ASP B 255 -14.69 -16.98 -1.22
C ASP B 255 -14.44 -18.38 -0.63
N GLN B 256 -13.23 -18.91 -0.77
CA GLN B 256 -12.87 -20.24 -0.30
C GLN B 256 -12.67 -20.23 1.20
N PHE B 257 -12.03 -19.18 1.71
CA PHE B 257 -11.56 -19.17 3.09
C PHE B 257 -12.25 -18.14 4.00
N GLY C 1 15.32 -1.01 20.32
CA GLY C 1 14.42 -0.04 21.00
C GLY C 1 14.18 1.23 20.19
N ASP C 2 13.93 1.08 18.89
CA ASP C 2 13.40 2.20 18.07
C ASP C 2 11.88 2.26 18.33
N PHE C 3 11.28 1.06 18.37
CA PHE C 3 9.85 0.95 18.57
C PHE C 3 9.47 0.81 20.02
N GLU C 4 8.44 1.54 20.40
CA GLU C 4 7.86 1.41 21.70
C GLU C 4 7.24 0.04 21.87
N GLU C 5 7.35 -0.43 23.10
CA GLU C 5 6.84 -1.72 23.45
C GLU C 5 5.31 -1.76 23.34
N ILE C 6 4.85 -2.91 22.95
CA ILE C 6 3.48 -3.29 22.66
C ILE C 6 2.94 -3.89 23.94
N PRO C 7 1.62 -3.80 24.23
CA PRO C 7 1.13 -4.64 25.33
C PRO C 7 1.42 -6.14 25.12
N GLU C 8 1.65 -6.82 26.24
CA GLU C 8 2.17 -8.19 26.28
C GLU C 8 1.16 -9.19 25.71
N GLU C 9 -0.14 -8.90 25.85
CA GLU C 9 -1.22 -9.71 25.26
C GLU C 9 -1.13 -9.95 23.77
N TYS C 10 -0.56 -9.00 23.02
CA TYS C 10 -0.40 -9.14 21.56
CB TYS C 10 -0.22 -7.77 20.92
CG TYS C 10 -1.39 -6.83 21.19
CD1 TYS C 10 -2.68 -7.13 20.77
CD2 TYS C 10 -1.15 -5.66 21.87
CE1 TYS C 10 -3.74 -6.25 21.03
CE2 TYS C 10 -2.19 -4.77 22.16
CZ TYS C 10 -3.48 -5.08 21.73
OH TYS C 10 -4.44 -4.19 22.02
S TYS C 10 -4.85 -3.16 20.93
O1 TYS C 10 -3.65 -2.42 20.67
O2 TYS C 10 -5.36 -3.85 19.77
O3 TYS C 10 -6.10 -2.38 21.63
C TYS C 10 0.77 -9.99 21.14
O TYS C 10 0.83 -10.41 19.99
N LEU C 11 1.73 -10.20 22.04
CA LEU C 11 2.91 -11.05 21.77
C LEU C 11 2.73 -12.52 22.25
C4 QQE D . 12.68 -3.17 -4.54
C5 QQE D . 12.08 -4.25 -3.89
C7 QQE D . 11.20 -2.44 -3.17
C10 QQE D . 10.60 -0.25 -2.44
C13 QQE D . 10.55 2.36 -5.05
C15 QQE D . 8.57 1.07 -5.36
C20 QQE D . 12.19 -7.92 -3.46
C21 QQE D . 15.15 -5.13 -6.74
C24 QQE D . 13.55 -6.53 -8.10
C28 QQE D . 16.01 -6.56 -8.58
C16 QQE D . 9.00 0.29 -4.28
CL1 QQE D . 7.06 0.83 -6.15
C14 QQE D . 9.37 2.16 -5.74
C12 QQE D . 10.97 1.55 -4.02
C11 QQE D . 10.19 0.51 -3.65
C33 QQE D . 9.65 0.26 -1.33
N9 QQE D . 10.43 -1.70 -2.48
O6 QQE D . 11.12 -3.76 -3.06
N8 QQE D . 12.09 -2.06 -4.08
C3 QQE D . 13.67 -3.43 -5.47
C18 QQE D . 12.41 -5.57 -4.15
O19 QQE D . 11.73 -6.56 -3.39
C1 QQE D . 13.41 -5.80 -5.10
C2 QQE D . 14.06 -4.77 -5.74
O22 QQE D . 16.29 -4.68 -6.49
N23 QQE D . 14.91 -6.06 -7.74
C25 QQE D . 13.27 -6.44 -9.61
C32 QQE D . 12.06 -7.17 -10.09
O26 QQE D . 14.36 -7.16 -10.19
C27 QQE D . 15.54 -6.47 -10.02
C29 QQE D . 16.43 -7.98 -8.16
C30 QQE D . 17.34 -7.81 -6.89
O31 QQE D . 17.00 -8.96 -6.10
C1 NAG E . 9.35 -21.23 4.13
C2 NAG E . 9.82 -22.32 3.15
C3 NAG E . 8.77 -23.42 2.99
C4 NAG E . 8.44 -24.02 4.34
C5 NAG E . 7.92 -22.87 5.21
C6 NAG E . 7.48 -23.35 6.60
C7 NAG E . 11.40 -21.41 1.44
C8 NAG E . 12.58 -21.45 2.40
N2 NAG E . 10.16 -21.80 1.83
O3 NAG E . 9.23 -24.46 2.12
O4 NAG E . 7.53 -25.13 4.19
O5 NAG E . 8.96 -21.88 5.35
O6 NAG E . 8.23 -22.70 7.63
O7 NAG E . 11.58 -21.01 0.30
#